data_8THV
#
_entry.id   8THV
#
_entity_poly.entity_id   1
_entity_poly.type   'polyribonucleotide'
_entity_poly.pdbx_seq_one_letter_code
;GGCAGAUCUGAGCCUGGGAGCUCUCUGCC
;
_entity_poly.pdbx_strand_id   A
#
loop_
_chem_comp.id
_chem_comp.type
_chem_comp.name
_chem_comp.formula
A RNA linking ADENOSINE-5'-MONOPHOSPHATE 'C10 H14 N5 O7 P'
C RNA linking CYTIDINE-5'-MONOPHOSPHATE 'C9 H14 N3 O8 P'
G RNA linking GUANOSINE-5'-MONOPHOSPHATE 'C10 H14 N5 O8 P'
U RNA linking URIDINE-5'-MONOPHOSPHATE 'C9 H13 N2 O9 P'
#